data_5II5
#
_entry.id   5II5
#
_cell.length_a   107.090
_cell.length_b   107.090
_cell.length_c   196.350
_cell.angle_alpha   90.00
_cell.angle_beta   90.00
_cell.angle_gamma   120.00
#
_symmetry.space_group_name_H-M   'P 65 2 2'
#
loop_
_entity.id
_entity.type
_entity.pdbx_description
1 polymer 'Maltose-binding periplasmic protein,Vitelline envelope sperm lysin receptor'
2 branched alpha-D-glucopyranose-(1-4)-alpha-D-glucopyranose
3 non-polymer 'TRIETHYLENE GLYCOL'
4 water water
#
_entity_poly.entity_id   1
_entity_poly.type   'polypeptide(L)'
_entity_poly.pdbx_seq_one_letter_code
;ETGTKIEEGKLVIWINGDKGYNGLAEVGKKFEKDTGIKVTVEHPDKLEEKFPQVAATGDGPDIIFWAHDRFGGYAQSGLL
AEITPAAAFQDKLYPFTWDAVRYNGKLIAYPIAVEALSLIYNKDLLPNPPKTWEEIPALDKELKAKGKSALMFNLQEPYF
TWPLIAADGGYAFKYAAGKYDIKDVGVDNAGAKAGLTFLVDLIKNKHMNADTDYSIAEHAFNHGETAMTINGPWAWSNID
TSAVNYGVTVLPTFKGQPSKPFVGVLSAGINAASPNKELAKEFLENYLLTDEGLEAVNKDKPLGAVALKSYEEELVKDPR
VAATMENAQKGEIMPNIPQMSAFWYAVRTAVINAASGRQTVDAALAAAQTNAAADLTLVCSDDKSKQATLISYPVTFKGH
VIKDMQIFCKNGWMQMTRGRGINMIRIHYPQTYTSVVPGACVFRGPYSVPTQDSIEMYTVSVALLWSDGTPTYESLECYV
TKSQASNALEHHHHHH
;
_entity_poly.pdbx_strand_id   A
#
# COMPACT_ATOMS: atom_id res chain seq x y z
N GLU A 7 0.00 2.11 -30.01
CA GLU A 7 -0.32 2.69 -31.29
C GLU A 7 0.22 4.11 -31.39
N GLU A 8 0.94 4.41 -32.46
CA GLU A 8 1.56 5.73 -32.62
C GLU A 8 0.58 6.75 -33.20
N GLY A 9 0.73 8.00 -32.75
CA GLY A 9 -0.13 9.09 -33.19
C GLY A 9 -1.27 9.36 -32.22
N LYS A 10 -1.23 8.69 -31.07
CA LYS A 10 -2.33 8.69 -30.12
C LYS A 10 -1.76 8.46 -28.71
N LEU A 11 -2.41 9.05 -27.71
CA LEU A 11 -2.01 8.85 -26.30
C LEU A 11 -3.05 8.05 -25.51
N VAL A 12 -2.60 6.99 -24.85
CA VAL A 12 -3.44 6.20 -23.97
C VAL A 12 -2.95 6.41 -22.53
N ILE A 13 -3.87 6.82 -21.66
CA ILE A 13 -3.49 7.08 -20.27
C ILE A 13 -4.24 6.15 -19.33
N TRP A 14 -3.51 5.61 -18.35
CA TRP A 14 -4.12 4.81 -17.31
C TRP A 14 -4.04 5.56 -15.98
N ILE A 15 -5.15 5.56 -15.24
CA ILE A 15 -5.15 6.20 -13.93
C ILE A 15 -6.19 5.49 -13.07
N ASN A 16 -6.04 5.56 -11.76
CA ASN A 16 -6.90 4.76 -10.92
C ASN A 16 -8.32 5.31 -11.00
N GLY A 17 -9.29 4.43 -10.86
CA GLY A 17 -10.69 4.77 -11.01
C GLY A 17 -11.20 5.65 -9.88
N ASP A 18 -10.40 5.86 -8.83
CA ASP A 18 -10.84 6.80 -7.76
C ASP A 18 -10.38 8.24 -8.03
N LYS A 19 -9.63 8.44 -9.11
CA LYS A 19 -9.11 9.77 -9.44
C LYS A 19 -9.98 10.53 -10.48
N GLY A 20 -9.41 11.65 -10.92
CA GLY A 20 -10.03 12.71 -11.69
C GLY A 20 -10.04 12.44 -13.18
N TYR A 21 -10.16 11.18 -13.53
CA TYR A 21 -10.06 10.78 -14.94
C TYR A 21 -10.98 11.54 -15.94
N ASN A 22 -12.17 11.95 -15.52
CA ASN A 22 -13.02 12.78 -16.41
C ASN A 22 -12.39 14.15 -16.66
N GLY A 23 -11.87 14.76 -15.61
CA GLY A 23 -11.20 16.05 -15.75
C GLY A 23 -9.98 15.91 -16.64
N LEU A 24 -9.22 14.84 -16.43
CA LEU A 24 -8.02 14.58 -17.20
C LEU A 24 -8.42 14.34 -18.65
N ALA A 25 -9.57 13.69 -18.82
CA ALA A 25 -10.16 13.53 -20.15
C ALA A 25 -10.43 14.90 -20.77
N GLU A 26 -11.04 15.80 -20.00
CA GLU A 26 -11.25 17.17 -20.48
C GLU A 26 -9.93 17.87 -20.87
N VAL A 27 -8.88 17.66 -20.07
CA VAL A 27 -7.55 18.08 -20.45
C VAL A 27 -7.16 17.44 -21.79
N GLY A 28 -7.45 16.15 -21.92
CA GLY A 28 -7.15 15.39 -23.14
C GLY A 28 -7.86 15.97 -24.35
N LYS A 29 -9.10 16.43 -24.12
CA LYS A 29 -9.85 17.14 -25.14
C LYS A 29 -9.11 18.42 -25.53
N LYS A 30 -8.76 19.22 -24.52
CA LYS A 30 -7.95 20.40 -24.78
C LYS A 30 -6.69 20.05 -25.59
N PHE A 31 -6.09 18.89 -25.33
CA PHE A 31 -4.92 18.43 -26.12
C PHE A 31 -5.24 18.04 -27.59
N GLU A 32 -6.25 17.19 -27.77
CA GLU A 32 -6.68 16.76 -29.10
C GLU A 32 -7.01 17.97 -29.95
N LYS A 33 -7.78 18.89 -29.38
CA LYS A 33 -8.23 20.05 -30.13
C LYS A 33 -7.07 20.84 -30.74
N ASP A 34 -5.99 21.04 -29.97
CA ASP A 34 -4.82 21.75 -30.49
C ASP A 34 -3.91 20.91 -31.38
N THR A 35 -3.55 19.72 -30.93
CA THR A 35 -2.53 18.95 -31.65
C THR A 35 -3.09 17.99 -32.69
N GLY A 36 -4.41 17.82 -32.68
CA GLY A 36 -5.05 16.78 -33.47
C GLY A 36 -4.81 15.38 -32.92
N ILE A 37 -4.08 15.27 -31.81
CA ILE A 37 -3.78 13.96 -31.22
C ILE A 37 -4.83 13.55 -30.20
N LYS A 38 -5.51 12.45 -30.48
CA LYS A 38 -6.54 11.93 -29.60
C LYS A 38 -5.91 11.38 -28.31
N VAL A 39 -6.58 11.60 -27.19
CA VAL A 39 -6.13 11.11 -25.89
C VAL A 39 -7.24 10.27 -25.27
N THR A 40 -6.95 9.00 -24.99
CA THR A 40 -7.95 8.13 -24.38
C THR A 40 -7.58 7.79 -22.93
N VAL A 41 -8.46 8.13 -22.00
CA VAL A 41 -8.21 7.87 -20.59
C VAL A 41 -8.98 6.61 -20.16
N GLU A 42 -8.28 5.65 -19.58
CA GLU A 42 -8.92 4.42 -19.08
C GLU A 42 -8.60 4.19 -17.60
N HIS A 43 -9.45 3.44 -16.91
CA HIS A 43 -9.17 3.11 -15.52
C HIS A 43 -9.31 1.62 -15.27
N PRO A 44 -8.33 0.85 -15.77
CA PRO A 44 -8.32 -0.60 -15.58
C PRO A 44 -8.44 -0.97 -14.12
N ASP A 45 -9.00 -2.13 -13.83
CA ASP A 45 -9.03 -2.59 -12.45
C ASP A 45 -7.66 -3.14 -12.07
N LYS A 46 -7.27 -2.94 -10.82
CA LYS A 46 -5.98 -3.38 -10.32
C LYS A 46 -4.90 -2.98 -11.30
N LEU A 47 -4.94 -1.74 -11.76
CA LEU A 47 -4.02 -1.34 -12.83
C LEU A 47 -2.56 -1.34 -12.37
N GLU A 48 -2.31 -1.17 -11.07
CA GLU A 48 -0.93 -1.10 -10.60
C GLU A 48 -0.25 -2.46 -10.78
N GLU A 49 -1.06 -3.51 -10.83
CA GLU A 49 -0.62 -4.85 -11.23
C GLU A 49 -0.65 -5.10 -12.75
N LYS A 50 -1.66 -4.60 -13.44
CA LYS A 50 -1.79 -4.86 -14.87
C LYS A 50 -0.74 -4.13 -15.68
N PHE A 51 -0.32 -2.95 -15.22
CA PHE A 51 0.67 -2.20 -15.99
C PHE A 51 2.01 -2.95 -16.13
N PRO A 52 2.60 -3.40 -15.02
CA PRO A 52 3.87 -4.08 -15.22
C PRO A 52 3.69 -5.35 -16.07
N GLN A 53 2.50 -5.94 -16.00
CA GLN A 53 2.23 -7.12 -16.83
C GLN A 53 2.28 -6.82 -18.33
N VAL A 54 1.50 -5.85 -18.79
CA VAL A 54 1.40 -5.55 -20.22
C VAL A 54 2.56 -4.70 -20.75
N ALA A 55 3.12 -3.84 -19.90
CA ALA A 55 4.21 -2.97 -20.36
C ALA A 55 5.43 -3.81 -20.65
N ALA A 56 5.49 -4.96 -19.97
CA ALA A 56 6.56 -5.92 -20.12
C ALA A 56 6.51 -6.63 -21.48
N THR A 57 5.33 -6.63 -22.08
CA THR A 57 5.12 -7.22 -23.42
C THR A 57 5.23 -6.15 -24.50
N GLY A 58 5.59 -4.94 -24.12
CA GLY A 58 5.67 -3.84 -25.06
C GLY A 58 4.35 -3.11 -25.25
N ASP A 59 3.30 -3.61 -24.59
CA ASP A 59 1.96 -3.02 -24.69
C ASP A 59 1.65 -2.12 -23.49
N GLY A 60 0.41 -1.68 -23.39
CA GLY A 60 -0.02 -0.83 -22.28
C GLY A 60 -0.17 0.62 -22.68
N PRO A 61 -0.35 1.50 -21.68
CA PRO A 61 -0.51 2.92 -21.95
C PRO A 61 0.80 3.63 -22.27
N ASP A 62 0.70 4.77 -22.94
CA ASP A 62 1.81 5.70 -23.06
C ASP A 62 2.19 6.30 -21.69
N ILE A 63 1.18 6.64 -20.89
CA ILE A 63 1.43 7.28 -19.60
C ILE A 63 0.72 6.50 -18.51
N ILE A 64 1.40 6.28 -17.38
CA ILE A 64 0.74 5.63 -16.27
C ILE A 64 0.80 6.52 -15.03
N PHE A 65 -0.34 6.66 -14.36
CA PHE A 65 -0.45 7.42 -13.11
C PHE A 65 -0.57 6.50 -11.92
N TRP A 66 0.28 6.70 -10.92
CA TRP A 66 0.12 6.00 -9.66
C TRP A 66 0.90 6.75 -8.60
N ALA A 67 0.62 6.48 -7.34
CA ALA A 67 1.48 6.95 -6.27
C ALA A 67 2.90 6.42 -6.52
N HIS A 68 3.89 7.19 -6.07
CA HIS A 68 5.28 6.97 -6.45
C HIS A 68 5.84 5.64 -5.94
N ASP A 69 5.18 5.02 -4.94
CA ASP A 69 5.82 3.84 -4.31
C ASP A 69 5.99 2.68 -5.28
N ARG A 70 5.11 2.59 -6.26
CA ARG A 70 5.20 1.48 -7.23
C ARG A 70 6.26 1.71 -8.29
N PHE A 71 6.76 2.94 -8.42
CA PHE A 71 7.55 3.26 -9.60
C PHE A 71 8.97 2.72 -9.53
N GLY A 72 9.47 2.42 -8.34
CA GLY A 72 10.80 1.83 -8.30
C GLY A 72 10.82 0.44 -8.89
N GLY A 73 9.81 -0.36 -8.55
CA GLY A 73 9.64 -1.67 -9.17
C GLY A 73 9.51 -1.54 -10.68
N TYR A 74 8.65 -0.63 -11.14
CA TYR A 74 8.50 -0.42 -12.57
C TYR A 74 9.83 -0.07 -13.22
N ALA A 75 10.59 0.83 -12.60
CA ALA A 75 11.86 1.28 -13.18
C ALA A 75 12.88 0.14 -13.23
N GLN A 76 12.94 -0.65 -12.15
CA GLN A 76 13.87 -1.79 -12.11
C GLN A 76 13.56 -2.83 -13.18
N SER A 77 12.29 -2.95 -13.54
CA SER A 77 11.91 -3.91 -14.59
C SER A 77 12.08 -3.27 -15.96
N GLY A 78 12.58 -2.04 -16.00
CA GLY A 78 12.90 -1.43 -17.29
C GLY A 78 11.66 -0.90 -18.01
N LEU A 79 10.60 -0.61 -17.26
CA LEU A 79 9.33 -0.26 -17.88
C LEU A 79 9.14 1.25 -18.05
N LEU A 80 10.02 2.05 -17.47
CA LEU A 80 9.86 3.50 -17.47
C LEU A 80 10.99 4.23 -18.17
N ALA A 81 10.63 5.18 -19.04
CA ALA A 81 11.59 6.08 -19.67
C ALA A 81 12.15 7.07 -18.66
N GLU A 82 13.37 7.53 -18.85
CA GLU A 82 13.96 8.52 -17.96
C GLU A 82 13.45 9.89 -18.33
N ILE A 83 13.11 10.67 -17.32
CA ILE A 83 12.66 12.04 -17.49
C ILE A 83 13.86 12.99 -17.39
N THR A 84 13.87 13.99 -18.27
CA THR A 84 14.96 14.95 -18.31
C THR A 84 14.42 16.36 -18.48
N PRO A 85 13.65 16.83 -17.49
CA PRO A 85 13.02 18.13 -17.73
C PRO A 85 14.03 19.26 -17.57
N ALA A 86 13.75 20.39 -18.22
CA ALA A 86 14.59 21.56 -18.10
C ALA A 86 14.60 22.04 -16.65
N ALA A 87 15.64 22.80 -16.29
CA ALA A 87 15.71 23.38 -14.96
C ALA A 87 14.47 24.22 -14.67
N ALA A 88 14.04 24.98 -15.69
CA ALA A 88 12.88 25.85 -15.59
C ALA A 88 11.65 25.07 -15.16
N PHE A 89 11.33 24.02 -15.90
CA PHE A 89 10.19 23.18 -15.52
C PHE A 89 10.43 22.57 -14.17
N GLN A 90 11.66 22.12 -13.90
CA GLN A 90 11.96 21.52 -12.61
C GLN A 90 11.69 22.45 -11.45
N ASP A 91 11.98 23.74 -11.63
CA ASP A 91 11.77 24.72 -10.58
C ASP A 91 10.28 25.02 -10.34
N LYS A 92 9.43 24.67 -11.30
CA LYS A 92 7.99 24.85 -11.13
C LYS A 92 7.38 23.90 -10.08
N LEU A 93 8.07 22.81 -9.76
CA LEU A 93 7.55 21.82 -8.80
C LEU A 93 8.40 21.78 -7.54
N TYR A 94 7.76 21.47 -6.41
CA TYR A 94 8.45 21.33 -5.14
C TYR A 94 9.48 20.23 -5.24
N PRO A 95 10.71 20.50 -4.79
CA PRO A 95 11.79 19.50 -4.85
C PRO A 95 11.53 18.15 -4.17
N PHE A 96 10.79 18.10 -3.07
CA PHE A 96 10.66 16.81 -2.39
C PHE A 96 9.79 15.90 -3.25
N THR A 97 8.92 16.52 -4.06
CA THR A 97 8.09 15.74 -4.97
C THR A 97 8.97 15.11 -6.06
N TRP A 98 9.90 15.88 -6.64
CA TRP A 98 10.94 15.32 -7.51
C TRP A 98 11.72 14.23 -6.80
N ASP A 99 12.04 14.44 -5.52
CA ASP A 99 12.82 13.42 -4.80
C ASP A 99 12.06 12.11 -4.69
N ALA A 100 10.75 12.20 -4.57
CA ALA A 100 9.92 10.99 -4.52
C ALA A 100 9.97 10.11 -5.80
N VAL A 101 10.19 10.74 -6.95
CA VAL A 101 10.26 10.06 -8.26
C VAL A 101 11.69 9.74 -8.75
N ARG A 102 12.69 9.90 -7.88
CA ARG A 102 14.07 9.56 -8.20
C ARG A 102 14.41 8.11 -7.83
N TYR A 103 15.03 7.36 -8.75
CA TYR A 103 15.38 5.95 -8.48
C TYR A 103 16.78 5.64 -9.00
N ASN A 104 17.63 5.18 -8.09
CA ASN A 104 19.04 4.90 -8.36
C ASN A 104 19.66 6.02 -9.19
N GLY A 105 19.29 7.26 -8.84
CA GLY A 105 19.87 8.45 -9.44
C GLY A 105 19.04 9.21 -10.46
N LYS A 106 18.06 8.57 -11.07
CA LYS A 106 17.42 9.12 -12.26
C LYS A 106 15.97 9.50 -12.01
N LEU A 107 15.47 10.51 -12.71
CA LEU A 107 14.06 10.90 -12.52
C LEU A 107 13.20 10.01 -13.40
N ILE A 108 12.35 9.23 -12.77
CA ILE A 108 11.52 8.24 -13.47
C ILE A 108 10.06 8.62 -13.68
N ALA A 109 9.65 9.82 -13.26
CA ALA A 109 8.26 10.21 -13.45
C ALA A 109 8.08 11.70 -13.18
N TYR A 110 6.86 12.17 -13.44
CA TYR A 110 6.51 13.54 -13.19
C TYR A 110 5.66 13.53 -11.94
N PRO A 111 6.10 14.23 -10.88
CA PRO A 111 5.26 14.32 -9.69
C PRO A 111 4.12 15.29 -9.90
N ILE A 112 2.98 14.99 -9.33
CA ILE A 112 1.76 15.76 -9.58
C ILE A 112 1.17 16.32 -8.30
N ALA A 113 0.82 15.44 -7.36
CA ALA A 113 0.20 15.87 -6.11
C ALA A 113 0.64 15.02 -4.91
N VAL A 114 0.56 15.62 -3.74
CA VAL A 114 0.88 14.95 -2.48
C VAL A 114 -0.38 14.53 -1.76
N GLU A 115 -0.41 13.24 -1.39
CA GLU A 115 -1.57 12.56 -0.84
C GLU A 115 -1.31 12.04 0.56
N ALA A 116 -2.29 12.26 1.46
CA ALA A 116 -2.32 11.60 2.77
C ALA A 116 -3.75 11.45 3.20
N LEU A 117 -3.98 10.40 3.96
CA LEU A 117 -5.26 10.18 4.59
C LEU A 117 -5.50 11.15 5.74
N SER A 118 -6.77 11.51 5.88
CA SER A 118 -7.23 12.30 7.01
C SER A 118 -8.47 11.68 7.65
N LEU A 119 -8.79 12.19 8.83
CA LEU A 119 -10.02 11.80 9.48
C LEU A 119 -11.12 12.71 8.91
N ILE A 120 -12.20 12.14 8.42
CA ILE A 120 -13.29 12.95 7.83
C ILE A 120 -14.52 12.75 8.68
N TYR A 121 -15.18 13.84 9.08
CA TYR A 121 -16.28 13.66 10.04
C TYR A 121 -17.49 14.48 9.69
N ASN A 122 -18.63 13.97 10.10
CA ASN A 122 -19.90 14.64 9.82
C ASN A 122 -20.18 15.65 10.94
N LYS A 123 -20.17 16.94 10.59
CA LYS A 123 -20.24 18.01 11.60
C LYS A 123 -21.61 18.07 12.26
N ASP A 124 -22.64 17.62 11.55
CA ASP A 124 -23.98 17.72 12.13
C ASP A 124 -24.25 16.60 13.13
N LEU A 125 -23.63 15.45 12.91
CA LEU A 125 -23.65 14.36 13.88
C LEU A 125 -22.63 14.49 14.99
N LEU A 126 -21.48 15.07 14.66
CA LEU A 126 -20.35 14.98 15.54
C LEU A 126 -19.56 16.26 15.49
N PRO A 127 -20.06 17.32 16.15
CA PRO A 127 -19.36 18.61 16.12
C PRO A 127 -17.95 18.56 16.68
N ASN A 128 -17.69 17.71 17.67
CA ASN A 128 -16.36 17.54 18.28
C ASN A 128 -15.90 16.09 18.15
N PRO A 129 -15.23 15.79 17.06
CA PRO A 129 -14.81 14.41 16.85
C PRO A 129 -13.73 14.01 17.86
N PRO A 130 -13.65 12.72 18.18
CA PRO A 130 -12.66 12.21 19.13
C PRO A 130 -11.28 12.47 18.64
N LYS A 131 -10.36 12.71 19.56
CA LYS A 131 -8.97 12.91 19.20
C LYS A 131 -8.11 11.64 19.28
N THR A 132 -8.67 10.57 19.85
CA THR A 132 -7.93 9.33 20.09
C THR A 132 -8.73 8.15 19.56
N TRP A 133 -8.03 7.12 19.11
CA TRP A 133 -8.67 5.86 18.74
C TRP A 133 -9.39 5.23 19.90
N GLU A 134 -8.79 5.34 21.08
CA GLU A 134 -9.33 4.73 22.30
C GLU A 134 -10.76 5.16 22.67
N GLU A 135 -11.13 6.36 22.26
CA GLU A 135 -12.47 6.89 22.46
C GLU A 135 -13.53 6.35 21.53
N ILE A 136 -13.13 5.67 20.46
CA ILE A 136 -14.10 5.32 19.44
C ILE A 136 -15.14 4.31 19.96
N PRO A 137 -14.72 3.32 20.77
CA PRO A 137 -15.73 2.39 21.27
C PRO A 137 -16.86 3.05 22.04
N ALA A 138 -16.58 3.99 22.93
CA ALA A 138 -17.64 4.55 23.76
C ALA A 138 -18.56 5.38 22.88
N LEU A 139 -17.95 6.08 21.94
CA LEU A 139 -18.67 6.93 21.00
C LEU A 139 -19.58 6.10 20.11
N ASP A 140 -19.08 4.93 19.68
CA ASP A 140 -19.89 4.04 18.86
C ASP A 140 -21.13 3.59 19.61
N LYS A 141 -20.96 3.19 20.87
CA LYS A 141 -22.11 2.74 21.67
C LYS A 141 -23.20 3.80 21.75
N GLU A 142 -22.81 5.06 21.78
CA GLU A 142 -23.78 6.16 21.87
C GLU A 142 -24.51 6.38 20.54
N LEU A 143 -23.79 6.24 19.45
CA LEU A 143 -24.38 6.44 18.12
C LEU A 143 -25.28 5.26 17.76
N LYS A 144 -24.91 4.05 18.19
CA LYS A 144 -25.65 2.84 17.84
C LYS A 144 -27.05 2.89 18.40
N ALA A 145 -27.20 3.63 19.48
CA ALA A 145 -28.46 3.76 20.13
C ALA A 145 -29.32 4.72 19.32
N LYS A 146 -28.66 5.59 18.55
CA LYS A 146 -29.36 6.58 17.73
C LYS A 146 -29.55 6.09 16.30
N GLY A 147 -29.18 4.84 16.05
CA GLY A 147 -29.32 4.24 14.74
C GLY A 147 -28.10 4.41 13.84
N LYS A 148 -27.01 4.95 14.39
CA LYS A 148 -25.79 5.26 13.63
C LYS A 148 -24.57 4.45 14.08
N SER A 149 -23.40 4.76 13.52
CA SER A 149 -22.16 4.16 13.95
C SER A 149 -21.08 5.24 13.95
N ALA A 150 -20.01 5.02 14.70
CA ALA A 150 -18.93 5.99 14.81
C ALA A 150 -18.04 6.12 13.60
N LEU A 151 -17.53 4.98 13.10
CA LEU A 151 -16.46 5.02 12.11
C LEU A 151 -16.61 3.88 11.11
N MET A 152 -16.53 4.19 9.82
CA MET A 152 -16.38 3.11 8.80
C MET A 152 -15.33 3.55 7.80
N PHE A 153 -14.41 2.66 7.47
CA PHE A 153 -13.42 2.96 6.47
C PHE A 153 -12.95 1.65 5.84
N ASN A 154 -12.26 1.75 4.71
CA ASN A 154 -11.90 0.54 3.97
C ASN A 154 -10.88 -0.31 4.71
N LEU A 155 -11.28 -1.53 5.05
CA LEU A 155 -10.39 -2.46 5.78
C LEU A 155 -9.69 -3.47 4.84
N GLN A 156 -10.02 -3.43 3.54
CA GLN A 156 -9.45 -4.38 2.57
C GLN A 156 -8.06 -4.02 2.05
N GLU A 157 -7.74 -2.72 2.09
CA GLU A 157 -6.48 -2.20 1.58
C GLU A 157 -5.62 -1.71 2.73
N PRO A 158 -4.40 -2.26 2.87
CA PRO A 158 -3.62 -1.94 4.08
C PRO A 158 -3.21 -0.48 4.19
N TYR A 159 -3.29 0.22 3.07
CA TYR A 159 -3.07 1.68 3.06
C TYR A 159 -3.84 2.41 4.15
N PHE A 160 -5.08 1.98 4.37
CA PHE A 160 -6.00 2.67 5.29
C PHE A 160 -5.79 2.27 6.75
N THR A 161 -5.33 1.04 6.99
CA THR A 161 -5.09 0.58 8.35
C THR A 161 -3.66 0.81 8.84
N TRP A 162 -2.75 1.02 7.89
CA TRP A 162 -1.36 1.29 8.26
C TRP A 162 -1.14 2.49 9.22
N PRO A 163 -1.86 3.61 9.05
CA PRO A 163 -1.59 4.72 9.98
C PRO A 163 -1.69 4.31 11.45
N LEU A 164 -2.64 3.45 11.77
CA LEU A 164 -2.81 2.94 13.13
C LEU A 164 -1.74 1.94 13.53
N ILE A 165 -1.38 1.05 12.60
CA ILE A 165 -0.35 0.05 12.88
C ILE A 165 0.98 0.73 13.10
N ALA A 166 1.25 1.79 12.35
CA ALA A 166 2.50 2.52 12.46
C ALA A 166 2.57 3.49 13.65
N ALA A 167 1.43 3.77 14.28
CA ALA A 167 1.40 4.74 15.37
C ALA A 167 2.26 4.38 16.58
N ASP A 168 2.27 3.12 16.98
CA ASP A 168 3.04 2.70 18.16
C ASP A 168 4.44 2.18 17.83
N GLY A 169 4.89 2.37 16.59
CA GLY A 169 6.22 1.93 16.21
C GLY A 169 6.37 1.02 15.00
N GLY A 170 5.27 0.64 14.36
CA GLY A 170 5.35 -0.20 13.18
C GLY A 170 5.96 0.59 12.03
N TYR A 171 6.76 -0.08 11.19
CA TYR A 171 7.38 0.59 10.04
C TYR A 171 7.66 -0.42 8.92
N ALA A 172 7.83 0.08 7.69
CA ALA A 172 8.08 -0.80 6.58
C ALA A 172 9.57 -1.07 6.49
N PHE A 173 10.36 -0.09 6.06
CA PHE A 173 11.82 -0.22 6.02
C PHE A 173 12.47 0.95 6.75
N LYS A 174 13.46 0.64 7.59
CA LYS A 174 14.18 1.67 8.31
C LYS A 174 15.01 2.52 7.35
N TYR A 175 14.99 3.85 7.56
CA TYR A 175 15.84 4.70 6.74
C TYR A 175 17.13 5.03 7.49
N ALA A 176 18.26 4.58 6.94
CA ALA A 176 19.55 4.72 7.60
C ALA A 176 20.67 4.94 6.59
N ALA A 177 21.58 5.85 6.92
CA ALA A 177 22.77 6.09 6.11
C ALA A 177 22.41 6.41 4.66
N GLY A 178 21.38 7.24 4.49
CA GLY A 178 21.06 7.79 3.20
C GLY A 178 20.21 6.90 2.32
N LYS A 179 19.73 5.79 2.87
CA LYS A 179 18.94 4.84 2.09
C LYS A 179 18.02 4.04 3.00
N TYR A 180 17.05 3.37 2.39
CA TYR A 180 16.25 2.43 3.13
C TYR A 180 17.04 1.16 3.32
N ASP A 181 16.99 0.62 4.53
CA ASP A 181 17.69 -0.59 4.85
C ASP A 181 16.70 -1.71 4.57
N ILE A 182 16.95 -2.44 3.49
CA ILE A 182 16.00 -3.46 3.06
C ILE A 182 15.95 -4.57 4.11
N LYS A 183 16.99 -4.70 4.92
CA LYS A 183 17.09 -5.77 5.91
C LYS A 183 16.33 -5.49 7.19
N ASP A 184 15.87 -4.26 7.37
CA ASP A 184 15.26 -3.87 8.68
C ASP A 184 13.83 -3.52 8.42
N VAL A 185 12.98 -4.51 8.71
CA VAL A 185 11.56 -4.48 8.42
C VAL A 185 10.78 -4.50 9.73
N GLY A 186 9.80 -3.61 9.80
CA GLY A 186 9.10 -3.21 11.02
C GLY A 186 7.67 -3.70 11.21
N VAL A 187 7.35 -4.82 10.58
CA VAL A 187 5.96 -5.27 10.45
C VAL A 187 5.50 -6.04 11.68
N ASP A 188 6.46 -6.72 12.28
CA ASP A 188 6.32 -7.70 13.34
C ASP A 188 6.54 -7.20 14.77
N ASN A 189 6.75 -5.92 15.00
CA ASN A 189 7.24 -5.48 16.33
C ASN A 189 6.12 -5.15 17.31
N ALA A 190 6.47 -4.76 18.53
CA ALA A 190 5.46 -4.52 19.58
C ALA A 190 4.43 -3.46 19.20
N GLY A 191 4.90 -2.41 18.54
CA GLY A 191 4.02 -1.32 18.11
C GLY A 191 3.00 -1.75 17.06
N ALA A 192 3.47 -2.50 16.07
CA ALA A 192 2.57 -2.94 15.02
C ALA A 192 1.51 -3.88 15.61
N LYS A 193 1.96 -4.74 16.53
CA LYS A 193 1.05 -5.67 17.20
C LYS A 193 -0.02 -4.92 18.01
N ALA A 194 0.42 -3.94 18.77
CA ALA A 194 -0.56 -3.16 19.56
C ALA A 194 -1.61 -2.52 18.65
N GLY A 195 -1.15 -1.89 17.56
CA GLY A 195 -2.14 -1.25 16.67
C GLY A 195 -3.11 -2.19 15.97
N LEU A 196 -2.57 -3.29 15.42
CA LEU A 196 -3.45 -4.22 14.73
C LEU A 196 -4.38 -4.90 15.76
N THR A 197 -3.86 -5.17 16.94
CA THR A 197 -4.73 -5.70 18.00
C THR A 197 -5.88 -4.73 18.31
N PHE A 198 -5.57 -3.45 18.34
CA PHE A 198 -6.68 -2.50 18.61
C PHE A 198 -7.75 -2.60 17.51
N LEU A 199 -7.28 -2.66 16.26
CA LEU A 199 -8.25 -2.81 15.15
C LEU A 199 -9.11 -4.09 15.28
N VAL A 200 -8.44 -5.19 15.55
CA VAL A 200 -9.12 -6.47 15.65
C VAL A 200 -10.10 -6.39 16.83
N ASP A 201 -9.69 -5.73 17.90
CA ASP A 201 -10.62 -5.56 19.02
C ASP A 201 -11.85 -4.71 18.64
N LEU A 202 -11.66 -3.64 17.85
CA LEU A 202 -12.83 -2.91 17.37
C LEU A 202 -13.81 -3.84 16.65
N ILE A 203 -13.26 -4.71 15.80
CA ILE A 203 -14.09 -5.71 15.13
C ILE A 203 -14.73 -6.76 16.08
N LYS A 204 -13.96 -7.32 17.02
CA LYS A 204 -14.50 -8.29 17.96
C LYS A 204 -15.68 -7.70 18.74
N ASN A 205 -15.62 -6.40 18.95
CA ASN A 205 -16.61 -5.72 19.78
C ASN A 205 -17.75 -5.13 18.96
N LYS A 206 -17.72 -5.40 17.66
CA LYS A 206 -18.76 -5.00 16.71
C LYS A 206 -18.86 -3.49 16.51
N HIS A 207 -17.76 -2.80 16.75
CA HIS A 207 -17.66 -1.39 16.40
C HIS A 207 -17.33 -1.20 14.92
N MET A 208 -16.69 -2.21 14.30
CA MET A 208 -16.49 -2.24 12.86
C MET A 208 -16.71 -3.65 12.29
N ASN A 209 -16.89 -3.75 10.98
CA ASN A 209 -17.13 -5.04 10.34
C ASN A 209 -15.95 -5.41 9.44
N ALA A 210 -15.46 -6.65 9.56
CA ALA A 210 -14.27 -7.06 8.82
C ALA A 210 -14.43 -6.93 7.31
N ASP A 211 -15.66 -7.04 6.82
N ASP A 211 -15.65 -7.04 6.80
CA ASP A 211 -15.93 -7.05 5.38
CA ASP A 211 -15.85 -7.05 5.35
C ASP A 211 -16.01 -5.65 4.76
C ASP A 211 -16.01 -5.65 4.75
N THR A 212 -15.91 -4.62 5.58
CA THR A 212 -16.09 -3.26 5.10
C THR A 212 -15.01 -2.91 4.08
N ASP A 213 -15.44 -2.39 2.94
CA ASP A 213 -14.53 -2.04 1.88
C ASP A 213 -14.74 -0.58 1.45
N TYR A 214 -14.05 -0.15 0.40
CA TYR A 214 -14.12 1.25 0.02
C TYR A 214 -15.57 1.73 -0.26
N SER A 215 -16.32 1.02 -1.11
CA SER A 215 -17.63 1.51 -1.49
C SER A 215 -18.62 1.39 -0.32
N ILE A 216 -18.47 0.38 0.52
CA ILE A 216 -19.37 0.29 1.68
C ILE A 216 -19.14 1.52 2.62
N ALA A 217 -17.88 1.83 2.91
CA ALA A 217 -17.60 2.93 3.82
C ALA A 217 -18.00 4.28 3.19
N GLU A 218 -17.73 4.43 1.89
CA GLU A 218 -18.12 5.67 1.19
C GLU A 218 -19.63 5.84 1.26
N HIS A 219 -20.37 4.80 0.91
CA HIS A 219 -21.82 4.89 0.97
C HIS A 219 -22.31 5.21 2.39
N ALA A 220 -21.78 4.51 3.38
CA ALA A 220 -22.24 4.70 4.76
C ALA A 220 -22.00 6.14 5.21
N PHE A 221 -20.80 6.66 4.92
CA PHE A 221 -20.52 8.06 5.33
C PHE A 221 -21.36 9.07 4.54
N ASN A 222 -21.35 8.99 3.21
CA ASN A 222 -21.97 10.01 2.39
C ASN A 222 -23.48 10.06 2.51
N HIS A 223 -24.08 8.97 3.00
CA HIS A 223 -25.52 8.95 3.28
C HIS A 223 -25.87 9.17 4.75
N GLY A 224 -24.88 9.44 5.60
CA GLY A 224 -25.17 9.89 6.96
C GLY A 224 -25.37 8.80 7.99
N GLU A 225 -24.97 7.58 7.68
CA GLU A 225 -25.10 6.45 8.60
C GLU A 225 -23.99 6.33 9.65
N THR A 226 -22.80 6.76 9.29
CA THR A 226 -21.65 6.69 10.19
C THR A 226 -21.06 8.10 10.32
N ALA A 227 -20.59 8.45 11.52
CA ALA A 227 -20.16 9.80 11.83
C ALA A 227 -18.78 10.16 11.29
N MET A 228 -17.95 9.14 11.03
CA MET A 228 -16.57 9.36 10.59
C MET A 228 -16.13 8.39 9.48
N THR A 229 -15.12 8.79 8.72
CA THR A 229 -14.48 7.87 7.76
C THR A 229 -13.06 8.33 7.63
N ILE A 230 -12.23 7.48 7.02
CA ILE A 230 -10.83 7.79 6.80
C ILE A 230 -10.62 7.71 5.32
N ASN A 231 -10.15 8.78 4.69
CA ASN A 231 -9.98 8.75 3.24
C ASN A 231 -9.04 9.88 2.82
N GLY A 232 -8.74 9.92 1.52
CA GLY A 232 -7.85 10.94 0.97
C GLY A 232 -8.61 12.00 0.22
N PRO A 233 -7.87 12.96 -0.36
CA PRO A 233 -8.51 14.04 -1.11
C PRO A 233 -9.43 13.63 -2.26
N TRP A 234 -9.10 12.59 -3.03
CA TRP A 234 -9.90 12.16 -4.17
C TRP A 234 -11.36 11.97 -3.72
N ALA A 235 -11.55 11.67 -2.44
CA ALA A 235 -12.89 11.34 -1.94
C ALA A 235 -13.79 12.54 -1.68
N TRP A 236 -13.22 13.73 -1.59
CA TRP A 236 -14.01 14.88 -1.14
C TRP A 236 -15.16 15.24 -2.09
N SER A 237 -14.96 15.15 -3.41
CA SER A 237 -16.01 15.61 -4.34
C SER A 237 -17.29 14.81 -4.19
N ASN A 238 -17.20 13.49 -4.01
CA ASN A 238 -18.44 12.75 -3.75
C ASN A 238 -19.09 13.22 -2.44
N ILE A 239 -18.34 13.74 -1.49
CA ILE A 239 -19.00 14.15 -0.24
C ILE A 239 -19.63 15.52 -0.44
N ASP A 240 -19.00 16.31 -1.30
CA ASP A 240 -19.58 17.58 -1.67
C ASP A 240 -20.99 17.38 -2.27
N THR A 241 -21.15 16.31 -3.08
CA THR A 241 -22.44 16.00 -3.72
C THR A 241 -23.47 15.53 -2.75
N SER A 242 -23.01 14.88 -1.68
CA SER A 242 -23.89 14.37 -0.67
C SER A 242 -24.45 15.52 0.19
N ALA A 243 -25.35 15.18 1.10
CA ALA A 243 -25.92 16.20 1.99
C ALA A 243 -25.06 16.48 3.22
N VAL A 244 -23.96 15.74 3.38
CA VAL A 244 -23.15 15.81 4.59
C VAL A 244 -22.29 17.08 4.65
N ASN A 245 -22.42 17.84 5.75
CA ASN A 245 -21.44 18.91 6.02
C ASN A 245 -20.31 18.21 6.75
N TYR A 246 -19.11 18.20 6.15
CA TYR A 246 -18.03 17.42 6.73
C TYR A 246 -16.85 18.27 7.09
N GLY A 247 -16.06 17.85 8.08
CA GLY A 247 -14.74 18.41 8.29
C GLY A 247 -13.65 17.41 7.94
N VAL A 248 -12.44 17.93 7.75
CA VAL A 248 -11.29 17.11 7.44
C VAL A 248 -10.27 17.47 8.48
N THR A 249 -9.80 16.49 9.25
CA THR A 249 -8.97 16.81 10.42
C THR A 249 -7.89 15.76 10.69
N VAL A 250 -7.10 16.02 11.74
CA VAL A 250 -5.99 15.14 12.09
C VAL A 250 -6.50 13.77 12.51
N LEU A 251 -5.81 12.73 12.07
CA LEU A 251 -6.21 11.40 12.43
C LEU A 251 -6.12 11.22 13.94
N PRO A 252 -6.90 10.30 14.48
CA PRO A 252 -6.81 10.12 15.94
C PRO A 252 -5.48 9.52 16.39
N THR A 253 -5.04 9.86 17.58
CA THR A 253 -3.84 9.29 18.18
C THR A 253 -4.12 7.89 18.73
N PHE A 254 -3.06 7.11 18.92
CA PHE A 254 -3.17 5.77 19.49
C PHE A 254 -2.03 5.66 20.46
N LYS A 255 -2.34 5.23 21.69
CA LYS A 255 -1.39 5.23 22.81
C LYS A 255 -0.63 6.56 22.93
N GLY A 256 -1.36 7.66 22.71
CA GLY A 256 -0.81 9.00 22.81
C GLY A 256 0.10 9.46 21.67
N GLN A 257 0.15 8.69 20.58
N GLN A 257 0.17 8.67 20.59
CA GLN A 257 1.09 8.98 19.49
CA GLN A 257 1.11 8.95 19.48
C GLN A 257 0.33 9.22 18.19
C GLN A 257 0.31 9.24 18.22
N PRO A 258 0.82 10.11 17.35
CA PRO A 258 0.05 10.34 16.13
C PRO A 258 -0.07 9.11 15.25
N SER A 259 -1.22 8.94 14.61
CA SER A 259 -1.37 7.97 13.50
C SER A 259 -0.46 8.46 12.38
N LYS A 260 0.20 7.53 11.66
CA LYS A 260 1.27 7.92 10.74
C LYS A 260 0.94 7.45 9.34
N PRO A 261 0.20 8.25 8.59
CA PRO A 261 -0.17 7.80 7.27
C PRO A 261 1.03 7.73 6.33
N PHE A 262 1.00 6.77 5.43
CA PHE A 262 2.03 6.69 4.38
C PHE A 262 1.68 7.73 3.31
N VAL A 263 2.61 8.63 3.04
CA VAL A 263 2.40 9.74 2.12
C VAL A 263 2.76 9.37 0.68
N GLY A 264 1.79 9.49 -0.22
CA GLY A 264 2.04 9.21 -1.62
C GLY A 264 2.22 10.46 -2.44
N VAL A 265 3.02 10.39 -3.48
CA VAL A 265 3.08 11.45 -4.45
C VAL A 265 2.50 10.87 -5.73
N LEU A 266 1.33 11.38 -6.13
CA LEU A 266 0.74 10.92 -7.38
C LEU A 266 1.69 11.33 -8.48
N SER A 267 2.04 10.36 -9.34
CA SER A 267 3.08 10.56 -10.33
C SER A 267 2.70 9.97 -11.70
N ALA A 268 3.30 10.56 -12.72
CA ALA A 268 3.01 10.18 -14.09
C ALA A 268 4.28 9.67 -14.76
N GLY A 269 4.31 8.37 -15.02
CA GLY A 269 5.41 7.76 -15.74
C GLY A 269 5.11 7.58 -17.21
N ILE A 270 6.18 7.54 -18.00
CA ILE A 270 6.06 7.31 -19.43
C ILE A 270 6.59 5.92 -19.69
N ASN A 271 5.75 5.13 -20.35
CA ASN A 271 6.07 3.77 -20.72
C ASN A 271 7.31 3.75 -21.61
N ALA A 272 8.31 2.96 -21.24
CA ALA A 272 9.55 2.87 -22.02
C ALA A 272 9.28 2.37 -23.44
N ALA A 273 8.23 1.58 -23.60
CA ALA A 273 7.89 1.03 -24.92
C ALA A 273 7.12 2.01 -25.79
N SER A 274 6.75 3.17 -25.26
CA SER A 274 5.91 4.11 -26.02
C SER A 274 6.72 4.77 -27.14
N PRO A 275 6.21 4.69 -28.39
CA PRO A 275 6.79 5.45 -29.50
C PRO A 275 6.44 6.94 -29.40
N ASN A 276 5.45 7.22 -28.55
CA ASN A 276 4.80 8.53 -28.47
C ASN A 276 5.46 9.47 -27.46
N LYS A 277 6.60 9.09 -26.91
CA LYS A 277 7.17 9.78 -25.74
C LYS A 277 7.18 11.32 -25.83
N GLU A 278 7.55 11.89 -26.96
CA GLU A 278 7.60 13.35 -27.10
C GLU A 278 6.22 13.99 -26.92
N LEU A 279 5.20 13.30 -27.45
CA LEU A 279 3.83 13.74 -27.30
C LEU A 279 3.39 13.62 -25.83
N ALA A 280 3.73 12.51 -25.20
CA ALA A 280 3.44 12.32 -23.77
C ALA A 280 4.12 13.41 -22.90
N LYS A 281 5.39 13.68 -23.16
CA LYS A 281 6.09 14.72 -22.41
C LYS A 281 5.42 16.06 -22.62
N GLU A 282 5.16 16.43 -23.87
CA GLU A 282 4.52 17.73 -24.03
C GLU A 282 3.13 17.76 -23.38
N PHE A 283 2.37 16.68 -23.48
CA PHE A 283 1.04 16.65 -22.87
C PHE A 283 1.16 16.88 -21.37
N LEU A 284 2.00 16.09 -20.73
CA LEU A 284 2.21 16.19 -19.29
C LEU A 284 2.72 17.56 -18.88
N GLU A 285 3.73 18.07 -19.56
CA GLU A 285 4.30 19.34 -19.11
C GLU A 285 3.41 20.54 -19.42
N ASN A 286 2.97 20.67 -20.67
CA ASN A 286 2.25 21.88 -21.09
C ASN A 286 0.74 21.82 -21.10
N TYR A 287 0.15 20.68 -20.77
CA TYR A 287 -1.30 20.58 -20.64
C TYR A 287 -1.68 20.17 -19.22
N LEU A 288 -1.27 18.98 -18.81
CA LEU A 288 -1.63 18.54 -17.46
C LEU A 288 -1.02 19.40 -16.36
N LEU A 289 0.28 19.70 -16.39
CA LEU A 289 0.79 20.45 -15.26
C LEU A 289 0.81 21.88 -15.69
N THR A 290 -0.28 22.54 -15.32
CA THR A 290 -0.59 23.91 -15.65
C THR A 290 -1.63 24.21 -14.61
N ASP A 291 -1.92 25.48 -14.38
CA ASP A 291 -2.92 25.84 -13.42
C ASP A 291 -4.27 25.36 -13.91
N GLU A 292 -4.46 25.43 -15.22
CA GLU A 292 -5.71 25.04 -15.86
C GLU A 292 -5.95 23.52 -15.79
N GLY A 293 -4.94 22.76 -16.19
CA GLY A 293 -5.05 21.31 -16.17
C GLY A 293 -5.23 20.75 -14.78
N LEU A 294 -4.37 21.20 -13.87
CA LEU A 294 -4.46 20.76 -12.47
C LEU A 294 -5.79 21.21 -11.90
N GLU A 295 -6.23 22.43 -12.25
CA GLU A 295 -7.60 22.86 -11.93
C GLU A 295 -8.62 21.86 -12.45
N ALA A 296 -8.52 21.43 -13.72
CA ALA A 296 -9.56 20.55 -14.28
C ALA A 296 -9.65 19.23 -13.51
N VAL A 297 -8.49 18.60 -13.34
CA VAL A 297 -8.50 17.35 -12.57
C VAL A 297 -8.95 17.60 -11.13
N ASN A 298 -8.36 18.60 -10.48
CA ASN A 298 -8.69 18.89 -9.07
C ASN A 298 -10.20 19.13 -8.88
N LYS A 299 -10.78 19.85 -9.82
CA LYS A 299 -12.22 20.08 -9.84
C LYS A 299 -13.01 18.78 -10.02
N ASP A 300 -12.55 17.88 -10.89
CA ASP A 300 -13.24 16.58 -11.00
C ASP A 300 -13.10 15.71 -9.71
N LYS A 301 -11.95 15.76 -9.06
CA LYS A 301 -11.70 14.98 -7.84
C LYS A 301 -10.41 15.59 -7.28
N PRO A 302 -10.43 15.98 -5.98
CA PRO A 302 -9.29 16.77 -5.52
C PRO A 302 -7.99 15.98 -5.44
N LEU A 303 -6.89 16.66 -5.78
CA LEU A 303 -5.59 16.03 -5.79
C LEU A 303 -4.88 16.05 -4.44
N GLY A 304 -5.37 16.85 -3.50
CA GLY A 304 -4.59 17.13 -2.28
C GLY A 304 -3.66 18.31 -2.46
N ALA A 305 -2.44 18.21 -1.95
CA ALA A 305 -1.50 19.32 -2.14
C ALA A 305 -0.70 19.16 -3.45
N VAL A 306 -0.97 19.99 -4.43
CA VAL A 306 -0.36 19.76 -5.74
C VAL A 306 1.11 20.13 -5.71
N ALA A 307 1.87 19.51 -6.61
CA ALA A 307 3.32 19.66 -6.68
C ALA A 307 3.73 20.95 -7.35
N LEU A 308 2.78 21.56 -8.06
CA LEU A 308 3.04 22.80 -8.80
C LEU A 308 2.96 24.00 -7.87
N LYS A 309 4.05 24.76 -7.78
CA LYS A 309 4.15 25.86 -6.83
C LYS A 309 3.09 26.92 -7.06
N SER A 310 2.88 27.28 -8.31
CA SER A 310 1.96 28.37 -8.64
C SER A 310 0.57 28.08 -8.09
N TYR A 311 0.17 26.81 -8.19
CA TYR A 311 -1.16 26.38 -7.77
C TYR A 311 -1.22 26.19 -6.25
N GLU A 312 -0.17 25.58 -5.72
CA GLU A 312 -0.15 25.23 -4.31
C GLU A 312 -0.56 26.45 -3.50
N GLU A 313 0.01 27.60 -3.82
CA GLU A 313 -0.29 28.82 -3.07
C GLU A 313 -1.78 29.11 -2.96
N GLU A 314 -2.56 28.81 -4.00
CA GLU A 314 -3.99 28.94 -3.91
C GLU A 314 -4.61 27.75 -3.16
N LEU A 315 -4.06 26.56 -3.35
CA LEU A 315 -4.60 25.41 -2.61
C LEU A 315 -4.40 25.46 -1.09
N VAL A 316 -3.27 25.98 -0.63
CA VAL A 316 -2.97 25.96 0.81
C VAL A 316 -4.11 26.65 1.58
N LYS A 317 -4.87 27.50 0.89
CA LYS A 317 -6.01 28.19 1.50
C LYS A 317 -7.22 27.29 1.81
N ASP A 318 -7.32 26.15 1.12
CA ASP A 318 -8.38 25.16 1.33
C ASP A 318 -8.07 24.37 2.60
N PRO A 319 -8.87 24.55 3.66
CA PRO A 319 -8.55 23.90 4.93
C PRO A 319 -8.44 22.38 4.86
N ARG A 320 -9.13 21.78 3.92
CA ARG A 320 -9.01 20.33 3.71
C ARG A 320 -7.58 19.95 3.29
N VAL A 321 -6.97 20.79 2.45
CA VAL A 321 -5.60 20.55 2.01
C VAL A 321 -4.63 20.79 3.17
N ALA A 322 -4.89 21.83 3.95
CA ALA A 322 -4.08 22.08 5.14
C ALA A 322 -4.13 20.88 6.08
N ALA A 323 -5.33 20.34 6.30
CA ALA A 323 -5.43 19.17 7.15
C ALA A 323 -4.67 17.96 6.54
N THR A 324 -4.79 17.82 5.22
CA THR A 324 -4.01 16.82 4.52
C THR A 324 -2.52 16.95 4.83
N MET A 325 -1.99 18.16 4.73
CA MET A 325 -0.56 18.32 4.96
C MET A 325 -0.18 18.16 6.46
N GLU A 326 -1.10 18.52 7.35
CA GLU A 326 -0.90 18.25 8.76
C GLU A 326 -0.75 16.75 9.01
N ASN A 327 -1.68 15.96 8.45
CA ASN A 327 -1.49 14.51 8.55
C ASN A 327 -0.24 13.99 7.85
N ALA A 328 0.09 14.52 6.66
CA ALA A 328 1.30 14.09 5.98
C ALA A 328 2.56 14.33 6.84
N GLN A 329 2.59 15.46 7.53
CA GLN A 329 3.76 15.78 8.31
C GLN A 329 3.96 14.82 9.48
N LYS A 330 2.88 14.17 9.93
CA LYS A 330 2.94 13.22 11.04
C LYS A 330 3.26 11.83 10.53
N GLY A 331 3.21 11.64 9.21
CA GLY A 331 3.51 10.34 8.65
C GLY A 331 4.88 10.31 8.03
N GLU A 332 5.01 9.50 6.98
CA GLU A 332 6.29 9.34 6.29
C GLU A 332 6.06 9.17 4.80
N ILE A 333 6.93 9.74 3.99
CA ILE A 333 6.86 9.49 2.55
C ILE A 333 7.13 8.00 2.33
N MET A 334 6.33 7.39 1.46
CA MET A 334 6.55 5.99 1.13
C MET A 334 7.92 5.81 0.49
N PRO A 335 8.63 4.74 0.85
CA PRO A 335 9.74 4.34 -0.01
C PRO A 335 9.26 4.01 -1.41
N ASN A 336 10.09 4.20 -2.43
CA ASN A 336 9.82 3.70 -3.76
C ASN A 336 10.58 2.43 -4.11
N ILE A 337 11.32 1.84 -3.18
CA ILE A 337 12.12 0.65 -3.54
C ILE A 337 11.21 -0.52 -3.98
N PRO A 338 11.73 -1.42 -4.84
CA PRO A 338 10.90 -2.54 -5.33
C PRO A 338 10.31 -3.42 -4.20
N GLN A 339 11.00 -3.51 -3.07
CA GLN A 339 10.54 -4.35 -1.98
C GLN A 339 9.19 -3.89 -1.41
N MET A 340 8.81 -2.64 -1.68
CA MET A 340 7.49 -2.16 -1.25
C MET A 340 6.36 -3.04 -1.79
N SER A 341 6.56 -3.68 -2.93
CA SER A 341 5.42 -4.42 -3.46
C SER A 341 5.21 -5.65 -2.55
N ALA A 342 6.30 -6.17 -1.98
CA ALA A 342 6.18 -7.37 -1.14
C ALA A 342 5.63 -6.94 0.24
N PHE A 343 6.09 -5.78 0.70
CA PHE A 343 5.53 -5.20 1.93
C PHE A 343 4.03 -5.06 1.85
N TRP A 344 3.53 -4.47 0.78
CA TRP A 344 2.10 -4.21 0.74
C TRP A 344 1.30 -5.50 0.65
N TYR A 345 1.76 -6.46 -0.17
CA TYR A 345 1.11 -7.75 -0.26
C TYR A 345 1.05 -8.45 1.08
N ALA A 346 2.17 -8.42 1.81
CA ALA A 346 2.28 -9.11 3.08
C ALA A 346 1.32 -8.51 4.15
N VAL A 347 1.27 -7.19 4.23
CA VAL A 347 0.39 -6.49 5.21
C VAL A 347 -1.06 -6.59 4.82
N ARG A 348 -1.36 -6.62 3.51
CA ARG A 348 -2.73 -6.79 3.07
C ARG A 348 -3.31 -8.11 3.60
N THR A 349 -2.52 -9.18 3.39
CA THR A 349 -2.88 -10.51 3.85
C THR A 349 -3.01 -10.55 5.40
N ALA A 350 -2.05 -9.98 6.11
CA ALA A 350 -2.10 -9.97 7.58
C ALA A 350 -3.36 -9.30 8.10
N VAL A 351 -3.68 -8.11 7.59
CA VAL A 351 -4.85 -7.38 8.14
C VAL A 351 -6.15 -8.12 7.84
N ILE A 352 -6.26 -8.66 6.64
CA ILE A 352 -7.47 -9.35 6.25
C ILE A 352 -7.61 -10.61 7.11
N ASN A 353 -6.50 -11.30 7.36
CA ASN A 353 -6.58 -12.55 8.09
C ASN A 353 -6.87 -12.32 9.57
N ALA A 354 -6.29 -11.27 10.14
CA ALA A 354 -6.48 -10.96 11.58
C ALA A 354 -7.89 -10.45 11.85
N ALA A 355 -8.36 -9.57 10.99
CA ALA A 355 -9.70 -9.00 11.09
C ALA A 355 -10.80 -10.04 10.95
N SER A 356 -10.58 -11.03 10.08
CA SER A 356 -11.56 -12.06 9.89
C SER A 356 -11.49 -13.10 10.99
N GLY A 357 -10.40 -13.10 11.77
CA GLY A 357 -10.21 -14.12 12.78
C GLY A 357 -9.60 -15.42 12.26
N ARG A 358 -9.11 -15.43 11.02
CA ARG A 358 -8.47 -16.60 10.43
C ARG A 358 -7.11 -16.88 11.07
N GLN A 359 -6.39 -15.82 11.46
CA GLN A 359 -5.16 -15.97 12.23
C GLN A 359 -5.18 -15.00 13.41
N THR A 360 -4.39 -15.29 14.43
CA THR A 360 -4.13 -14.30 15.49
C THR A 360 -3.32 -13.15 14.95
N VAL A 361 -3.36 -12.02 15.67
CA VAL A 361 -2.51 -10.89 15.33
C VAL A 361 -1.04 -11.29 15.29
N ASP A 362 -0.60 -12.03 16.30
CA ASP A 362 0.82 -12.38 16.37
C ASP A 362 1.24 -13.24 15.15
N ALA A 363 0.42 -14.25 14.83
CA ALA A 363 0.75 -15.13 13.69
C ALA A 363 0.66 -14.40 12.35
N ALA A 364 -0.35 -13.53 12.22
CA ALA A 364 -0.54 -12.80 10.97
C ALA A 364 0.66 -11.92 10.71
N LEU A 365 1.05 -11.13 11.73
CA LEU A 365 2.20 -10.27 11.53
C LEU A 365 3.50 -11.04 11.38
N ALA A 366 3.62 -12.17 12.06
CA ALA A 366 4.84 -12.90 11.93
C ALA A 366 4.97 -13.41 10.47
N ALA A 367 3.86 -13.84 9.87
CA ALA A 367 3.95 -14.31 8.46
C ALA A 367 4.23 -13.11 7.52
N ALA A 368 3.60 -11.97 7.86
CA ALA A 368 3.81 -10.75 7.06
C ALA A 368 5.25 -10.28 7.11
N GLN A 369 5.88 -10.40 8.27
CA GLN A 369 7.25 -9.94 8.45
C GLN A 369 8.17 -10.74 7.50
N THR A 370 8.04 -12.04 7.52
CA THR A 370 8.89 -12.92 6.71
C THR A 370 8.62 -12.70 5.21
N ASN A 371 7.36 -12.53 4.86
CA ASN A 371 7.01 -12.26 3.45
C ASN A 371 7.63 -10.93 2.99
N ALA A 372 7.51 -9.87 3.81
CA ALA A 372 8.00 -8.58 3.36
C ALA A 372 9.49 -8.55 3.34
N ALA A 373 10.11 -9.22 4.29
CA ALA A 373 11.54 -9.18 4.35
C ALA A 373 12.29 -10.12 3.41
N ALA A 374 11.82 -11.37 3.35
CA ALA A 374 12.49 -12.45 2.57
C ALA A 374 11.75 -12.98 1.30
N ASP A 375 10.56 -12.46 0.99
CA ASP A 375 9.74 -12.91 -0.16
C ASP A 375 9.28 -14.36 -0.06
N LEU A 376 9.09 -14.83 1.18
CA LEU A 376 8.63 -16.18 1.43
C LEU A 376 7.20 -16.21 1.91
N THR A 377 6.40 -16.99 1.21
CA THR A 377 5.00 -17.20 1.56
C THR A 377 4.84 -18.67 1.85
N LEU A 378 4.18 -18.99 2.95
CA LEU A 378 3.88 -20.37 3.25
C LEU A 378 2.38 -20.56 3.15
N VAL A 379 1.96 -21.41 2.21
CA VAL A 379 0.56 -21.75 2.08
C VAL A 379 0.27 -23.02 2.88
N CYS A 380 -0.42 -22.82 3.99
CA CYS A 380 -0.76 -23.88 4.96
C CYS A 380 -2.00 -24.62 4.53
N SER A 381 -2.15 -25.85 4.97
CA SER A 381 -3.42 -26.55 4.79
C SER A 381 -4.05 -26.87 6.15
N ASP A 382 -5.34 -26.58 6.27
CA ASP A 382 -6.10 -26.95 7.46
C ASP A 382 -6.04 -28.46 7.71
N ASP A 383 -5.90 -29.22 6.64
CA ASP A 383 -5.79 -30.67 6.72
C ASP A 383 -4.31 -31.09 6.65
N LYS A 384 -3.82 -31.75 7.69
CA LYS A 384 -2.43 -32.21 7.75
C LYS A 384 -2.03 -33.13 6.60
N SER A 385 -2.99 -33.91 6.08
CA SER A 385 -2.69 -34.86 5.02
C SER A 385 -2.33 -34.15 3.70
N LYS A 386 -2.94 -32.98 3.46
CA LYS A 386 -2.55 -32.15 2.33
C LYS A 386 -1.36 -31.30 2.73
N GLN A 387 -0.35 -31.26 1.89
CA GLN A 387 0.93 -30.68 2.26
C GLN A 387 0.91 -29.16 2.16
N ALA A 388 1.79 -28.51 2.90
CA ALA A 388 2.01 -27.08 2.75
C ALA A 388 2.87 -26.77 1.54
N THR A 389 2.81 -25.52 1.06
CA THR A 389 3.73 -25.07 0.03
C THR A 389 4.50 -23.83 0.43
N LEU A 390 5.82 -23.90 0.33
CA LEU A 390 6.66 -22.72 0.55
C LEU A 390 7.00 -22.12 -0.80
N ILE A 391 6.76 -20.83 -0.90
CA ILE A 391 6.97 -20.08 -2.13
C ILE A 391 7.96 -18.94 -1.93
N SER A 392 8.98 -18.93 -2.79
CA SER A 392 9.95 -17.87 -2.81
C SER A 392 9.80 -17.08 -4.11
N TYR A 393 9.56 -15.76 -3.97
CA TYR A 393 9.25 -14.91 -5.11
C TYR A 393 9.95 -13.54 -5.02
N PRO A 394 11.22 -13.49 -5.38
CA PRO A 394 12.03 -12.27 -5.12
C PRO A 394 11.60 -11.07 -5.98
N VAL A 395 11.47 -9.88 -5.43
CA VAL A 395 11.22 -8.69 -6.24
C VAL A 395 12.35 -7.68 -6.35
N THR A 396 13.41 -7.83 -5.55
CA THR A 396 14.52 -6.89 -5.57
C THR A 396 15.76 -7.54 -6.19
N PHE A 397 16.20 -6.99 -7.31
CA PHE A 397 17.37 -7.49 -8.05
C PHE A 397 18.64 -6.65 -8.03
N LYS A 398 18.64 -5.57 -7.26
CA LYS A 398 19.75 -4.63 -7.27
C LYS A 398 20.06 -4.20 -5.83
N GLY A 399 21.35 -4.04 -5.54
CA GLY A 399 21.81 -3.60 -4.24
C GLY A 399 21.92 -4.71 -3.22
N HIS A 400 21.61 -4.40 -1.95
CA HIS A 400 21.66 -5.40 -0.91
C HIS A 400 20.51 -6.38 -1.21
N VAL A 401 20.87 -7.65 -1.42
CA VAL A 401 19.86 -8.70 -1.69
C VAL A 401 20.25 -10.00 -1.02
N ILE A 402 19.28 -10.87 -0.81
CA ILE A 402 19.60 -12.19 -0.30
C ILE A 402 20.32 -12.94 -1.43
N LYS A 403 21.56 -13.36 -1.18
CA LYS A 403 22.30 -14.21 -2.14
C LYS A 403 22.04 -15.72 -2.00
N ASP A 404 22.00 -16.17 -0.75
CA ASP A 404 21.87 -17.59 -0.46
C ASP A 404 20.81 -17.82 0.62
N MET A 405 20.04 -18.88 0.44
CA MET A 405 18.94 -19.19 1.33
C MET A 405 18.99 -20.68 1.67
N GLN A 406 19.03 -21.00 2.96
CA GLN A 406 19.00 -22.39 3.44
C GLN A 406 17.76 -22.62 4.29
N ILE A 407 17.06 -23.72 4.03
CA ILE A 407 15.85 -24.03 4.78
C ILE A 407 16.14 -25.15 5.74
N PHE A 408 15.82 -24.92 7.02
CA PHE A 408 15.98 -25.95 8.04
C PHE A 408 14.68 -26.68 8.28
N CYS A 409 14.68 -27.95 7.90
CA CYS A 409 13.51 -28.81 8.00
C CYS A 409 13.89 -29.85 9.05
N LYS A 410 12.88 -30.55 9.56
CA LYS A 410 13.09 -31.54 10.61
C LYS A 410 14.29 -32.44 10.28
N ASN A 411 14.41 -32.79 9.01
N ASN A 411 14.40 -32.87 9.04
CA ASN A 411 15.38 -33.79 8.59
CA ASN A 411 15.43 -33.85 8.68
C ASN A 411 16.70 -33.23 8.08
C ASN A 411 16.72 -33.23 8.10
N GLY A 412 16.85 -31.91 8.12
CA GLY A 412 18.11 -31.30 7.69
C GLY A 412 17.98 -29.96 6.98
N TRP A 413 19.09 -29.45 6.46
CA TRP A 413 19.15 -28.19 5.71
C TRP A 413 19.08 -28.43 4.22
N MET A 414 18.37 -27.58 3.50
CA MET A 414 18.44 -27.64 2.04
C MET A 414 18.53 -26.27 1.41
N GLN A 415 19.39 -26.13 0.41
CA GLN A 415 19.58 -24.81 -0.22
C GLN A 415 18.43 -24.47 -1.14
N MET A 416 18.12 -23.19 -1.27
CA MET A 416 17.11 -22.74 -2.20
C MET A 416 17.54 -21.45 -2.92
N THR A 417 17.63 -21.46 -4.26
CA THR A 417 18.15 -20.30 -5.03
C THR A 417 17.14 -19.19 -5.21
N ARG A 418 17.68 -17.99 -5.42
CA ARG A 418 16.95 -16.72 -5.44
C ARG A 418 16.60 -16.05 -6.78
N GLY A 419 16.81 -16.68 -7.91
CA GLY A 419 16.72 -15.92 -9.14
C GLY A 419 15.39 -15.24 -9.43
N ARG A 420 15.35 -14.51 -10.55
CA ARG A 420 14.14 -13.87 -10.98
C ARG A 420 13.22 -14.91 -11.60
N GLY A 421 12.07 -15.10 -10.97
CA GLY A 421 11.28 -16.29 -11.22
C GLY A 421 10.56 -16.68 -9.96
N ILE A 422 10.16 -17.94 -9.86
CA ILE A 422 9.48 -18.43 -8.68
C ILE A 422 9.99 -19.81 -8.30
N ASN A 423 10.22 -20.01 -7.01
CA ASN A 423 10.73 -21.27 -6.51
C ASN A 423 9.81 -21.81 -5.43
N MET A 424 9.30 -23.02 -5.63
CA MET A 424 8.33 -23.60 -4.71
C MET A 424 8.76 -24.97 -4.26
N ILE A 425 8.62 -25.20 -2.95
CA ILE A 425 8.73 -26.56 -2.40
C ILE A 425 7.56 -26.94 -1.53
N ARG A 426 7.32 -28.24 -1.44
CA ARG A 426 6.31 -28.80 -0.56
C ARG A 426 6.90 -28.92 0.84
N ILE A 427 6.09 -28.61 1.84
CA ILE A 427 6.47 -28.94 3.20
C ILE A 427 5.42 -29.90 3.74
N HIS A 428 5.91 -31.07 4.18
CA HIS A 428 5.08 -32.12 4.70
C HIS A 428 4.90 -32.00 6.22
N TYR A 429 3.69 -32.32 6.68
CA TYR A 429 3.48 -32.45 8.11
C TYR A 429 4.00 -33.83 8.51
N PRO A 430 4.62 -33.93 9.68
CA PRO A 430 5.21 -35.20 10.11
C PRO A 430 4.14 -36.23 10.42
N GLN A 431 4.50 -37.50 10.41
CA GLN A 431 3.59 -38.60 10.73
C GLN A 431 2.64 -38.84 9.56
N THR A 432 2.61 -37.91 8.62
CA THR A 432 1.75 -38.00 7.44
C THR A 432 2.12 -39.17 6.52
N TYR A 433 3.40 -39.33 6.24
CA TYR A 433 3.83 -40.42 5.34
C TYR A 433 4.23 -41.65 6.11
N THR A 434 3.93 -42.81 5.53
CA THR A 434 4.19 -44.08 6.17
C THR A 434 5.68 -44.41 6.19
N SER A 435 6.43 -43.83 5.24
CA SER A 435 7.89 -43.95 5.26
C SER A 435 8.54 -42.61 4.88
N VAL A 436 9.86 -42.51 5.09
CA VAL A 436 10.59 -41.27 4.83
C VAL A 436 10.77 -41.06 3.35
N VAL A 437 10.33 -39.89 2.90
CA VAL A 437 10.31 -39.56 1.49
C VAL A 437 11.58 -38.80 1.08
N PRO A 438 12.41 -39.41 0.22
CA PRO A 438 13.63 -38.76 -0.24
C PRO A 438 13.34 -37.37 -0.79
N GLY A 439 14.12 -36.38 -0.37
CA GLY A 439 14.01 -35.03 -0.86
C GLY A 439 12.97 -34.17 -0.13
N ALA A 440 12.09 -34.77 0.66
CA ALA A 440 10.96 -33.99 1.22
C ALA A 440 11.38 -33.19 2.46
N CYS A 441 10.96 -31.94 2.50
CA CYS A 441 11.14 -31.08 3.68
C CYS A 441 9.96 -31.33 4.62
N VAL A 442 10.24 -31.60 5.89
CA VAL A 442 9.22 -31.93 6.87
C VAL A 442 9.17 -30.87 7.98
N PHE A 443 7.97 -30.45 8.33
CA PHE A 443 7.79 -29.55 9.48
C PHE A 443 8.36 -30.16 10.75
N ARG A 444 8.99 -29.35 11.59
CA ARG A 444 9.10 -29.64 13.04
C ARG A 444 7.75 -29.39 13.72
N GLY A 445 7.33 -30.28 14.62
CA GLY A 445 6.09 -30.12 15.37
C GLY A 445 5.50 -31.49 15.58
N PRO A 446 4.27 -31.57 16.11
CA PRO A 446 3.41 -30.45 16.56
C PRO A 446 3.89 -29.83 17.86
N TYR A 447 3.79 -28.51 17.99
CA TYR A 447 4.09 -27.81 19.24
C TYR A 447 2.82 -27.22 19.82
N SER A 448 2.75 -27.10 21.14
CA SER A 448 1.60 -26.46 21.76
C SER A 448 1.63 -24.95 21.55
N VAL A 449 0.44 -24.35 21.55
CA VAL A 449 0.29 -22.90 21.49
C VAL A 449 -0.36 -22.44 22.80
N PRO A 450 0.39 -21.74 23.69
CA PRO A 450 -0.18 -21.42 25.01
C PRO A 450 -1.49 -20.64 24.95
N THR A 451 -1.53 -19.64 24.07
CA THR A 451 -2.71 -18.77 23.93
C THR A 451 -3.99 -19.56 23.60
N GLN A 452 -3.92 -20.40 22.56
CA GLN A 452 -5.06 -21.21 22.12
C GLN A 452 -4.80 -22.70 22.37
N ASP A 453 -5.67 -23.33 23.16
CA ASP A 453 -5.44 -24.70 23.59
C ASP A 453 -5.81 -25.72 22.51
N SER A 454 -6.54 -25.27 21.50
CA SER A 454 -7.08 -26.15 20.48
C SER A 454 -6.18 -26.28 19.25
N ILE A 455 -5.01 -25.64 19.31
CA ILE A 455 -4.16 -25.48 18.12
C ILE A 455 -2.78 -26.11 18.28
N GLU A 456 -2.27 -26.63 17.17
CA GLU A 456 -0.93 -27.18 17.05
C GLU A 456 -0.11 -26.32 16.11
N MET A 457 1.14 -26.04 16.49
CA MET A 457 2.03 -25.26 15.63
C MET A 457 3.04 -26.14 14.92
N TYR A 458 3.34 -25.83 13.67
CA TYR A 458 4.43 -26.48 12.93
C TYR A 458 5.30 -25.35 12.43
N THR A 459 6.61 -25.60 12.32
CA THR A 459 7.55 -24.56 11.96
C THR A 459 8.72 -25.08 11.11
N VAL A 460 9.23 -24.21 10.24
CA VAL A 460 10.53 -24.47 9.62
C VAL A 460 11.30 -23.17 9.79
N SER A 461 12.62 -23.25 9.68
CA SER A 461 13.48 -22.09 9.89
C SER A 461 14.24 -21.81 8.63
N VAL A 462 14.74 -20.59 8.49
CA VAL A 462 15.46 -20.22 7.29
C VAL A 462 16.66 -19.34 7.64
N ALA A 463 17.79 -19.67 7.02
CA ALA A 463 19.01 -18.87 7.14
C ALA A 463 19.24 -18.13 5.83
N LEU A 464 19.47 -16.82 5.94
CA LEU A 464 19.66 -15.96 4.79
C LEU A 464 21.07 -15.39 4.83
N LEU A 465 21.79 -15.51 3.70
CA LEU A 465 23.07 -14.83 3.55
C LEU A 465 22.93 -13.69 2.53
N TRP A 466 23.11 -12.48 3.03
CA TRP A 466 22.99 -11.29 2.19
C TRP A 466 24.25 -11.07 1.35
N SER A 467 24.10 -10.30 0.29
CA SER A 467 25.20 -10.00 -0.62
C SER A 467 26.38 -9.31 0.07
N ASP A 468 26.12 -8.66 1.20
CA ASP A 468 27.19 -8.00 1.94
C ASP A 468 27.77 -8.92 3.02
N GLY A 469 27.33 -10.16 3.07
CA GLY A 469 27.86 -11.12 4.04
C GLY A 469 27.03 -11.23 5.32
N THR A 470 26.10 -10.30 5.54
CA THR A 470 25.22 -10.35 6.70
C THR A 470 24.38 -11.63 6.68
N PRO A 471 24.46 -12.48 7.73
CA PRO A 471 23.45 -13.51 7.96
C PRO A 471 22.20 -12.94 8.62
N THR A 472 21.02 -13.43 8.25
CA THR A 472 19.82 -13.18 9.07
C THR A 472 18.99 -14.47 9.09
N TYR A 473 18.02 -14.52 10.00
CA TYR A 473 17.26 -15.74 10.25
C TYR A 473 15.76 -15.48 10.29
N GLU A 474 14.97 -16.40 9.76
CA GLU A 474 13.50 -16.26 9.84
C GLU A 474 12.92 -17.59 10.23
N SER A 475 11.70 -17.60 10.73
CA SER A 475 10.99 -18.87 10.81
C SER A 475 9.61 -18.72 10.22
N LEU A 476 9.03 -19.81 9.77
CA LEU A 476 7.66 -19.78 9.27
C LEU A 476 6.83 -20.88 9.93
N GLU A 477 5.64 -20.50 10.36
CA GLU A 477 4.73 -21.39 11.06
C GLU A 477 3.46 -21.66 10.27
N CYS A 478 2.89 -22.83 10.52
CA CYS A 478 1.54 -23.18 10.13
C CYS A 478 0.85 -23.63 11.41
N TYR A 479 -0.42 -23.27 11.56
CA TYR A 479 -1.19 -23.72 12.70
C TYR A 479 -2.33 -24.60 12.25
N VAL A 480 -2.59 -25.65 13.02
CA VAL A 480 -3.66 -26.59 12.72
C VAL A 480 -4.52 -26.90 13.93
N THR A 481 -5.81 -27.11 13.71
CA THR A 481 -6.71 -27.52 14.80
C THR A 481 -6.54 -29.02 15.08
N LYS A 482 -6.58 -29.41 16.33
CA LYS A 482 -6.32 -30.81 16.70
C LYS A 482 -7.43 -31.76 16.27
#